data_1CF5
#
_entry.id   1CF5
#
_cell.length_a   49.090
_cell.length_b   50.580
_cell.length_c   61.120
_cell.angle_alpha   72.98
_cell.angle_beta   78.39
_cell.angle_gamma   76.97
#
_symmetry.space_group_name_H-M   'P 1'
#
loop_
_entity.id
_entity.type
_entity.pdbx_description
1 polymer 'PROTEIN (BETA-MOMORCHARIN)'
2 branched beta-D-xylopyranose-(1-2)-[alpha-D-mannopyranose-(1-6)]beta-D-mannopyranose-(1-4)-2-acetamido-2-deoxy-beta-D-glucopyranose-(1-4)-[alpha-L-fucopyranose-(1-3)]2-acetamido-2-deoxy-beta-D-glucopyranose
3 water water
#
_entity_poly.entity_id   1
_entity_poly.type   'polypeptide(L)'
_entity_poly.pdbx_seq_one_letter_code
;DVNFDLSTATAKTYTKFIEDFRATLPFSHKVYDIPLLYSTISDSRRFILLNLTSYAYETISVAIDVTNVYVVAYRTRDVS
YFFKESPPEAYNILFKGTRKITLPYTGNYENLQTAAHKIRENIDLGLPALSSAITTLFYYNAQSAPSALLVLIQTTAEAA
RFKYIERHVAKYVATNFKPNLAIISLENQWSALSKQIFLAQNQGGKFRNPVDLIKPTGQRFQVTNVDSDVVKGNIKLLLN
SRASTADEN
;
_entity_poly.pdbx_strand_id   A,B
#
# COMPACT_ATOMS: atom_id res chain seq x y z
N ASP A 1 19.43 -14.26 7.11
CA ASP A 1 20.20 -13.07 6.61
C ASP A 1 19.17 -12.10 6.04
N VAL A 2 19.60 -10.90 5.68
CA VAL A 2 18.75 -9.97 4.94
C VAL A 2 18.53 -10.43 3.49
N ASN A 3 17.33 -10.96 3.19
CA ASN A 3 16.98 -11.39 1.83
C ASN A 3 16.49 -10.29 0.89
N PHE A 4 16.92 -10.40 -0.36
CA PHE A 4 16.30 -9.71 -1.47
C PHE A 4 16.40 -10.56 -2.73
N ASP A 5 15.23 -10.87 -3.28
CA ASP A 5 15.07 -11.66 -4.50
C ASP A 5 14.49 -10.77 -5.63
N LEU A 6 15.28 -10.51 -6.66
CA LEU A 6 14.90 -9.63 -7.77
C LEU A 6 13.73 -10.18 -8.58
N SER A 7 13.40 -11.44 -8.40
CA SER A 7 12.39 -12.03 -9.23
C SER A 7 10.97 -11.71 -8.76
N THR A 8 10.87 -11.03 -7.62
CA THR A 8 9.56 -10.68 -6.98
C THR A 8 9.49 -9.19 -6.60
N ALA A 9 10.49 -8.44 -7.03
CA ALA A 9 10.82 -7.19 -6.40
C ALA A 9 10.13 -6.03 -7.07
N THR A 10 9.86 -5.02 -6.26
CA THR A 10 9.08 -3.85 -6.65
C THR A 10 9.81 -2.74 -5.94
N ALA A 11 9.34 -1.50 -6.10
CA ALA A 11 9.93 -0.40 -5.32
C ALA A 11 9.66 -0.62 -3.83
N LYS A 12 8.59 -1.35 -3.54
CA LYS A 12 8.19 -1.63 -2.17
C LYS A 12 9.07 -2.68 -1.49
N THR A 13 9.22 -3.84 -2.12
CA THR A 13 10.07 -4.87 -1.52
C THR A 13 11.51 -4.43 -1.48
N TYR A 14 11.92 -3.51 -2.35
CA TYR A 14 13.30 -3.02 -2.31
C TYR A 14 13.58 -2.11 -1.14
N THR A 15 12.64 -1.22 -0.81
CA THR A 15 12.78 -0.34 0.37
C THR A 15 12.73 -1.14 1.66
N LYS A 16 11.91 -2.19 1.67
CA LYS A 16 11.85 -3.09 2.80
C LYS A 16 13.12 -3.92 3.02
N PHE A 17 13.73 -4.41 1.93
CA PHE A 17 15.05 -5.02 1.96
C PHE A 17 16.01 -4.03 2.60
N ILE A 18 16.06 -2.80 2.08
CA ILE A 18 16.95 -1.77 2.66
C ILE A 18 16.62 -1.47 4.12
N GLU A 19 15.32 -1.34 4.39
CA GLU A 19 14.82 -1.03 5.74
C GLU A 19 15.24 -2.12 6.74
N ASP A 20 14.97 -3.38 6.41
CA ASP A 20 15.51 -4.54 7.15
C ASP A 20 17.04 -4.60 7.29
N PHE A 21 17.76 -4.38 6.20
CA PHE A 21 19.22 -4.38 6.19
C PHE A 21 19.78 -3.30 7.13
N ARG A 22 19.20 -2.10 7.09
CA ARG A 22 19.53 -1.02 8.05
C ARG A 22 19.38 -1.45 9.52
N ALA A 23 18.57 -2.48 9.78
CA ALA A 23 18.20 -2.88 11.13
C ALA A 23 18.67 -4.26 11.59
N THR A 24 19.59 -4.89 10.87
CA THR A 24 20.37 -5.95 11.50
C THR A 24 21.76 -5.47 11.90
N LEU A 25 22.08 -4.23 11.55
CA LEU A 25 23.33 -3.66 11.97
C LEU A 25 23.23 -3.29 13.44
N PRO A 26 24.07 -3.90 14.29
CA PRO A 26 24.29 -3.33 15.62
C PRO A 26 24.87 -1.91 15.58
N PHE A 27 24.34 -1.05 16.45
CA PHE A 27 24.92 0.27 16.71
C PHE A 27 24.95 0.48 18.22
N SER A 28 25.76 1.41 18.69
CA SER A 28 25.92 1.57 20.12
C SER A 28 24.89 2.50 20.75
N HIS A 29 24.55 3.56 20.01
CA HIS A 29 23.49 4.50 20.43
C HIS A 29 23.31 5.54 19.35
N LYS A 30 22.08 6.02 19.20
CA LYS A 30 21.78 6.98 18.13
C LYS A 30 22.38 8.37 18.34
N VAL A 31 23.36 8.76 17.54
CA VAL A 31 23.81 10.16 17.53
C VAL A 31 22.90 11.02 16.66
N TYR A 32 22.35 12.08 17.24
CA TYR A 32 21.33 12.89 16.60
C TYR A 32 20.32 11.99 15.89
N ASP A 33 20.03 10.86 16.51
CA ASP A 33 19.03 9.91 16.02
C ASP A 33 19.44 9.06 14.83
N ILE A 34 20.63 9.34 14.32
CA ILE A 34 21.28 8.47 13.34
C ILE A 34 22.10 7.44 14.12
N PRO A 35 21.71 6.17 14.05
CA PRO A 35 22.43 5.08 14.72
C PRO A 35 23.92 5.12 14.45
N LEU A 36 24.72 5.11 15.50
CA LEU A 36 26.19 5.08 15.39
C LEU A 36 26.77 3.67 15.57
N LEU A 37 27.69 3.28 14.69
CA LEU A 37 28.08 1.88 14.53
C LEU A 37 29.33 1.54 15.35
N TYR A 38 29.38 0.32 15.91
CA TYR A 38 30.49 -0.06 16.80
C TYR A 38 31.84 -0.07 16.09
N SER A 39 32.80 0.61 16.70
CA SER A 39 34.21 0.56 16.28
C SER A 39 34.81 -0.82 16.56
N THR A 40 34.27 -1.48 17.58
CA THR A 40 34.77 -2.76 18.05
C THR A 40 33.62 -3.66 18.42
N ILE A 41 33.64 -4.87 17.88
CA ILE A 41 32.51 -5.77 18.03
C ILE A 41 33.01 -7.22 18.13
N SER A 42 32.48 -7.94 19.12
CA SER A 42 32.80 -9.34 19.30
C SER A 42 32.71 -10.03 17.95
N ASP A 43 33.80 -10.63 17.48
CA ASP A 43 33.84 -11.16 16.11
C ASP A 43 32.72 -12.14 15.76
N SER A 44 32.05 -12.64 16.78
CA SER A 44 30.85 -13.44 16.57
C SER A 44 29.75 -12.65 15.86
N ARG A 45 29.73 -11.34 16.13
CA ARG A 45 28.73 -10.41 15.58
C ARG A 45 29.30 -9.52 14.46
N ARG A 46 30.56 -9.70 14.10
CA ARG A 46 31.23 -8.78 13.17
C ARG A 46 30.53 -8.60 11.80
N PHE A 47 30.11 -9.71 11.18
CA PHE A 47 29.69 -9.75 9.79
C PHE A 47 28.24 -10.20 9.63
N ILE A 48 27.47 -9.47 8.80
CA ILE A 48 26.12 -9.87 8.41
C ILE A 48 26.11 -10.21 6.94
N LEU A 49 25.20 -11.11 6.56
CA LEU A 49 25.11 -11.65 5.21
C LEU A 49 23.84 -11.17 4.51
N LEU A 50 23.97 -10.75 3.25
CA LEU A 50 22.83 -10.38 2.40
C LEU A 50 22.58 -11.46 1.36
N ASN A 51 21.32 -11.86 1.22
CA ASN A 51 20.99 -13.00 0.38
C ASN A 51 20.31 -12.58 -0.93
N LEU A 52 21.14 -12.32 -1.94
CA LEU A 52 20.73 -11.76 -3.24
C LEU A 52 20.49 -12.80 -4.38
N THR A 53 19.24 -13.02 -4.77
CA THR A 53 18.88 -13.78 -5.97
C THR A 53 18.41 -12.90 -7.16
N SER A 54 18.69 -13.32 -8.37
CA SER A 54 18.51 -12.46 -9.52
C SER A 54 17.20 -12.87 -10.17
N TYR A 55 16.81 -12.16 -11.24
CA TYR A 55 15.59 -12.50 -11.96
C TYR A 55 15.50 -13.97 -12.32
N ALA A 56 16.65 -14.58 -12.57
CA ALA A 56 16.72 -15.91 -13.13
C ALA A 56 17.30 -16.93 -12.14
N TYR A 57 17.39 -16.52 -10.88
CA TYR A 57 17.53 -17.44 -9.75
C TYR A 57 18.99 -17.80 -9.46
N GLU A 58 19.86 -16.85 -9.74
CA GLU A 58 21.23 -16.97 -9.29
C GLU A 58 21.41 -16.35 -7.89
N THR A 59 21.71 -17.20 -6.91
CA THR A 59 21.78 -16.74 -5.53
C THR A 59 23.23 -16.53 -5.08
N ILE A 60 23.59 -15.30 -4.76
CA ILE A 60 24.87 -15.03 -4.17
C ILE A 60 24.65 -14.43 -2.82
N SER A 61 25.57 -14.74 -1.93
CA SER A 61 25.51 -14.31 -0.53
C SER A 61 26.70 -13.36 -0.32
N VAL A 62 26.43 -12.10 0.02
CA VAL A 62 27.54 -11.14 0.19
C VAL A 62 27.66 -10.72 1.64
N ALA A 63 28.91 -10.55 2.10
CA ALA A 63 29.19 -10.32 3.51
C ALA A 63 29.45 -8.86 3.76
N ILE A 64 28.78 -8.37 4.80
CA ILE A 64 28.89 -6.98 5.23
C ILE A 64 29.57 -6.91 6.60
N ASP A 65 30.61 -6.10 6.68
CA ASP A 65 31.16 -5.62 7.94
C ASP A 65 30.27 -4.59 8.69
N VAL A 66 29.61 -5.02 9.76
CA VAL A 66 28.70 -4.13 10.53
C VAL A 66 29.39 -2.91 11.14
N THR A 67 30.72 -2.89 11.06
CA THR A 67 31.50 -1.88 11.74
C THR A 67 31.62 -0.66 10.84
N ASN A 68 31.10 -0.76 9.62
CA ASN A 68 31.31 0.29 8.64
C ASN A 68 30.53 0.09 7.34
N VAL A 69 29.55 -0.82 7.39
CA VAL A 69 28.79 -1.27 6.24
C VAL A 69 29.55 -1.63 4.97
N TYR A 70 30.86 -1.84 5.07
CA TYR A 70 31.65 -2.27 3.89
C TYR A 70 31.31 -3.69 3.49
N VAL A 71 31.35 -3.98 2.21
CA VAL A 71 31.25 -5.36 1.80
C VAL A 71 32.66 -5.89 1.69
N VAL A 72 32.84 -7.08 2.28
CA VAL A 72 34.17 -7.63 2.54
C VAL A 72 34.48 -8.83 1.64
N ALA A 73 33.42 -9.53 1.25
CA ALA A 73 33.57 -10.75 0.51
C ALA A 73 32.24 -11.15 0.01
N TYR A 74 32.24 -12.08 -0.94
CA TYR A 74 31.02 -12.66 -1.47
C TYR A 74 31.19 -14.12 -1.89
N ARG A 75 30.15 -14.93 -1.67
CA ARG A 75 30.14 -16.34 -2.05
C ARG A 75 29.22 -16.60 -3.21
N THR A 76 29.78 -17.26 -4.21
CA THR A 76 29.05 -17.83 -5.33
C THR A 76 29.13 -19.35 -5.34
N ARG A 77 28.01 -20.02 -5.16
CA ARG A 77 27.98 -21.50 -5.20
C ARG A 77 28.80 -22.05 -4.05
N ASP A 78 30.05 -22.39 -4.33
CA ASP A 78 30.97 -22.73 -3.26
C ASP A 78 32.39 -22.22 -3.49
N VAL A 79 32.56 -21.16 -4.27
CA VAL A 79 33.78 -20.35 -4.18
C VAL A 79 33.42 -19.02 -3.52
N SER A 80 34.38 -18.41 -2.84
CA SER A 80 34.15 -17.29 -1.94
C SER A 80 35.29 -16.31 -2.20
N TYR A 81 34.94 -15.11 -2.67
CA TYR A 81 35.91 -14.14 -3.18
C TYR A 81 36.00 -13.01 -2.20
N PHE A 82 37.20 -12.83 -1.64
CA PHE A 82 37.53 -11.77 -0.68
C PHE A 82 38.26 -10.56 -1.34
N PHE A 83 37.99 -9.34 -0.88
CA PHE A 83 38.78 -8.17 -1.31
C PHE A 83 40.23 -8.25 -0.80
N LYS A 84 41.21 -7.85 -1.60
CA LYS A 84 42.56 -7.73 -1.11
C LYS A 84 42.61 -6.66 -0.05
N GLU A 85 42.90 -7.10 1.17
CA GLU A 85 43.15 -6.27 2.36
C GLU A 85 41.95 -6.23 3.30
N SER A 86 41.14 -7.30 3.23
CA SER A 86 40.04 -7.57 4.16
C SER A 86 40.51 -7.55 5.61
N PRO A 87 39.54 -7.54 6.55
CA PRO A 87 39.81 -8.15 7.86
C PRO A 87 40.28 -9.61 7.74
N PRO A 88 41.37 -9.95 8.46
CA PRO A 88 41.72 -11.32 8.80
C PRO A 88 40.57 -12.13 9.39
N GLU A 89 39.85 -11.56 10.34
CA GLU A 89 38.72 -12.27 10.93
C GLU A 89 37.80 -12.77 9.84
N ALA A 90 37.66 -11.97 8.78
CA ALA A 90 36.61 -12.22 7.80
C ALA A 90 36.89 -13.60 7.19
N TYR A 91 38.17 -13.79 6.89
CA TYR A 91 38.70 -15.02 6.33
C TYR A 91 38.47 -16.25 7.20
N ASN A 92 38.49 -16.09 8.52
CA ASN A 92 38.28 -17.20 9.45
C ASN A 92 36.82 -17.58 9.59
N ILE A 93 35.96 -16.61 9.86
CA ILE A 93 34.62 -16.95 10.32
C ILE A 93 33.65 -17.16 9.18
N LEU A 94 34.07 -16.79 7.97
CA LEU A 94 33.16 -16.60 6.83
C LEU A 94 33.27 -17.68 5.75
N PHE A 95 32.13 -18.17 5.29
CA PHE A 95 32.11 -19.07 4.13
C PHE A 95 32.98 -20.31 4.33
N LYS A 96 32.85 -20.95 5.49
CA LYS A 96 33.68 -22.13 5.83
C LYS A 96 33.45 -23.40 5.00
N GLY A 97 34.47 -23.78 4.24
CA GLY A 97 34.37 -24.96 3.41
C GLY A 97 34.51 -24.61 1.96
N THR A 98 34.43 -23.33 1.64
CA THR A 98 34.46 -22.91 0.26
C THR A 98 35.91 -22.67 -0.13
N ARG A 99 36.28 -23.07 -1.33
CA ARG A 99 37.50 -22.53 -1.90
C ARG A 99 37.46 -21.02 -1.77
N LYS A 100 38.46 -20.44 -1.13
CA LYS A 100 38.48 -19.00 -0.83
C LYS A 100 39.52 -18.23 -1.63
N ILE A 101 39.06 -17.42 -2.58
CA ILE A 101 39.94 -16.66 -3.48
C ILE A 101 39.99 -15.21 -3.05
N THR A 102 41.13 -14.58 -3.25
CA THR A 102 41.35 -13.16 -2.94
C THR A 102 41.40 -12.35 -4.21
N LEU A 103 40.34 -11.57 -4.44
CA LEU A 103 40.28 -10.65 -5.57
C LEU A 103 41.49 -9.73 -5.55
N PRO A 104 41.94 -9.33 -6.74
CA PRO A 104 43.24 -8.64 -6.87
C PRO A 104 43.21 -7.20 -6.46
N TYR A 105 42.08 -6.71 -6.00
CA TYR A 105 41.92 -5.28 -5.75
C TYR A 105 41.28 -5.12 -4.40
N THR A 106 41.56 -4.03 -3.71
CA THR A 106 40.86 -3.79 -2.46
C THR A 106 39.43 -3.39 -2.79
N GLY A 107 38.58 -3.29 -1.77
CA GLY A 107 37.17 -3.05 -2.03
C GLY A 107 36.73 -1.60 -2.05
N ASN A 108 37.66 -0.69 -2.30
CA ASN A 108 37.43 0.72 -2.13
C ASN A 108 37.26 1.34 -3.51
N TYR A 109 36.52 2.45 -3.60
CA TYR A 109 36.05 2.90 -4.90
C TYR A 109 37.15 3.15 -5.91
N GLU A 110 38.28 3.67 -5.46
CA GLU A 110 39.37 4.04 -6.38
C GLU A 110 40.20 2.87 -6.86
N ASN A 111 40.03 1.71 -6.24
CA ASN A 111 40.63 0.47 -6.72
C ASN A 111 39.68 -0.24 -7.69
N LEU A 112 38.60 -0.80 -7.14
CA LEU A 112 37.40 -1.16 -7.89
C LEU A 112 37.34 -0.42 -9.22
N GLN A 113 37.43 0.90 -9.14
CA GLN A 113 37.31 1.77 -10.31
C GLN A 113 38.40 1.43 -11.32
N THR A 114 39.65 1.41 -10.86
CA THR A 114 40.77 1.01 -11.70
C THR A 114 40.60 -0.36 -12.34
N ALA A 115 40.41 -1.39 -11.53
CA ALA A 115 40.18 -2.74 -12.05
C ALA A 115 39.07 -2.76 -13.08
N ALA A 116 38.19 -1.75 -13.02
CA ALA A 116 37.06 -1.67 -13.93
C ALA A 116 37.28 -0.73 -15.11
N HIS A 117 38.39 0.01 -15.09
CA HIS A 117 38.69 1.01 -16.12
C HIS A 117 37.46 1.87 -16.42
N LYS A 118 36.81 2.33 -15.35
CA LYS A 118 35.45 2.79 -15.46
C LYS A 118 35.00 3.32 -14.13
N ILE A 119 34.85 4.64 -14.05
CA ILE A 119 34.40 5.29 -12.84
C ILE A 119 32.91 5.20 -12.72
N ARG A 120 32.43 4.97 -11.52
CA ARG A 120 31.04 4.63 -11.32
C ARG A 120 30.03 5.65 -11.86
N GLU A 121 30.48 6.87 -12.18
CA GLU A 121 29.58 7.84 -12.80
C GLU A 121 29.19 7.44 -14.22
N ASN A 122 29.76 6.35 -14.69
CA ASN A 122 29.37 5.80 -15.98
C ASN A 122 28.76 4.40 -15.90
N ILE A 123 28.16 4.05 -14.76
CA ILE A 123 27.71 2.68 -14.59
C ILE A 123 26.25 2.64 -14.11
N ASP A 124 25.41 2.13 -14.98
CA ASP A 124 24.01 2.14 -14.75
C ASP A 124 23.63 1.44 -13.47
N LEU A 125 23.23 2.20 -12.44
CA LEU A 125 22.51 1.66 -11.29
C LEU A 125 21.05 1.41 -11.66
N GLY A 126 20.26 0.84 -10.76
CA GLY A 126 18.90 0.43 -11.08
C GLY A 126 18.62 -0.98 -10.59
N LEU A 127 17.36 -1.42 -10.60
CA LEU A 127 17.02 -2.75 -10.10
C LEU A 127 17.26 -3.83 -11.13
N PRO A 128 17.02 -3.52 -12.43
CA PRO A 128 17.63 -4.39 -13.44
C PRO A 128 19.17 -4.54 -13.43
N ALA A 129 19.90 -3.50 -12.99
CA ALA A 129 21.36 -3.52 -13.08
C ALA A 129 21.99 -4.34 -11.94
N LEU A 130 21.44 -4.22 -10.72
CA LEU A 130 21.61 -5.17 -9.61
C LEU A 130 21.46 -6.62 -10.05
N SER A 131 20.34 -6.95 -10.68
CA SER A 131 20.04 -8.33 -11.00
C SER A 131 20.94 -8.85 -12.10
N SER A 132 21.75 -7.97 -12.69
CA SER A 132 22.75 -8.32 -13.72
C SER A 132 24.12 -8.55 -13.10
N ALA A 133 24.50 -7.69 -12.16
CA ALA A 133 25.74 -7.82 -11.41
C ALA A 133 25.76 -9.14 -10.68
N ILE A 134 24.67 -9.47 -10.01
CA ILE A 134 24.46 -10.82 -9.49
C ILE A 134 24.68 -11.95 -10.50
N THR A 135 24.20 -11.79 -11.72
CA THR A 135 24.56 -12.76 -12.74
C THR A 135 26.04 -12.76 -13.14
N THR A 136 26.69 -11.60 -13.18
CA THR A 136 28.10 -11.57 -13.58
C THR A 136 29.03 -11.85 -12.39
N LEU A 137 28.45 -11.97 -11.20
CA LEU A 137 29.21 -12.23 -9.98
C LEU A 137 29.11 -13.69 -9.61
N PHE A 138 27.89 -14.21 -9.59
CA PHE A 138 27.65 -15.65 -9.63
C PHE A 138 28.64 -16.30 -10.59
N TYR A 139 28.50 -16.05 -11.88
CA TYR A 139 29.42 -16.60 -12.88
C TYR A 139 30.70 -15.78 -13.01
N TYR A 140 31.46 -15.66 -11.92
CA TYR A 140 32.66 -14.80 -11.84
C TYR A 140 33.64 -14.82 -13.03
N ASN A 141 34.23 -13.66 -13.33
CA ASN A 141 35.24 -13.52 -14.39
C ASN A 141 35.91 -12.18 -14.11
N ALA A 142 37.24 -12.14 -14.09
CA ALA A 142 37.92 -10.99 -13.49
C ALA A 142 37.74 -9.72 -14.28
N GLN A 143 37.26 -9.87 -15.52
CA GLN A 143 36.91 -8.73 -16.35
C GLN A 143 35.60 -8.18 -15.86
N SER A 144 34.59 -9.03 -15.82
CA SER A 144 33.24 -8.61 -15.46
C SER A 144 33.15 -8.15 -14.03
N ALA A 145 33.87 -8.82 -13.12
CA ALA A 145 33.64 -8.64 -11.69
C ALA A 145 33.63 -7.17 -11.28
N PRO A 146 34.72 -6.46 -11.53
CA PRO A 146 34.83 -5.24 -10.73
C PRO A 146 33.67 -4.24 -10.95
N SER A 147 33.19 -4.05 -12.19
CA SER A 147 32.02 -3.18 -12.46
C SER A 147 30.70 -3.72 -11.91
N ALA A 148 30.50 -5.02 -11.95
CA ALA A 148 29.41 -5.63 -11.20
C ALA A 148 29.47 -5.35 -9.71
N LEU A 149 30.66 -5.11 -9.17
CA LEU A 149 30.80 -4.89 -7.71
C LEU A 149 30.50 -3.46 -7.35
N LEU A 150 30.93 -2.55 -8.21
CA LEU A 150 30.45 -1.18 -8.20
C LEU A 150 28.91 -1.11 -8.13
N VAL A 151 28.20 -1.83 -8.99
CA VAL A 151 26.76 -1.78 -8.95
C VAL A 151 26.17 -2.33 -7.63
N LEU A 152 26.76 -3.41 -7.11
CA LEU A 152 26.23 -4.12 -5.94
C LEU A 152 26.34 -3.29 -4.68
N ILE A 153 27.47 -2.64 -4.44
CA ILE A 153 27.61 -1.93 -3.18
C ILE A 153 26.79 -0.63 -3.13
N GLN A 154 26.67 0.06 -4.25
CA GLN A 154 25.87 1.29 -4.33
C GLN A 154 24.40 1.04 -4.20
N THR A 155 23.90 -0.03 -4.79
CA THR A 155 22.51 -0.33 -4.63
C THR A 155 22.16 -1.01 -3.30
N THR A 156 23.14 -1.21 -2.42
CA THR A 156 22.86 -1.85 -1.13
C THR A 156 23.52 -1.14 0.03
N ALA A 157 24.83 -0.93 -0.03
CA ALA A 157 25.52 -0.30 1.10
C ALA A 157 25.27 1.19 1.19
N GLU A 158 25.44 1.87 0.08
CA GLU A 158 25.10 3.28 0.03
C GLU A 158 23.58 3.58 0.11
N ALA A 159 22.72 2.70 -0.44
CA ALA A 159 21.27 2.81 -0.18
C ALA A 159 20.90 2.84 1.30
N ALA A 160 21.60 2.03 2.08
CA ALA A 160 21.36 1.95 3.51
C ALA A 160 22.06 3.05 4.26
N ARG A 161 23.15 3.58 3.73
CA ARG A 161 23.68 4.77 4.34
C ARG A 161 22.87 6.05 4.08
N PHE A 162 22.34 6.19 2.88
CA PHE A 162 21.72 7.46 2.50
C PHE A 162 20.35 7.21 1.89
N LYS A 163 19.32 7.79 2.50
CA LYS A 163 17.96 7.63 1.99
C LYS A 163 17.76 8.29 0.62
N TYR A 164 18.48 9.38 0.34
CA TYR A 164 18.53 9.90 -1.02
C TYR A 164 18.90 8.81 -2.02
N ILE A 165 19.89 7.99 -1.70
CA ILE A 165 20.27 6.93 -2.62
C ILE A 165 19.26 5.79 -2.61
N GLU A 166 18.79 5.37 -1.44
CA GLU A 166 17.74 4.34 -1.39
C GLU A 166 16.59 4.71 -2.30
N ARG A 167 16.23 6.00 -2.29
CA ARG A 167 15.03 6.50 -3.00
C ARG A 167 15.13 6.49 -4.52
N HIS A 168 16.20 7.08 -5.04
CA HIS A 168 16.60 6.87 -6.41
C HIS A 168 16.49 5.50 -7.03
N VAL A 169 17.10 4.49 -6.40
CA VAL A 169 16.96 3.13 -6.93
C VAL A 169 15.56 2.51 -6.69
N ALA A 170 14.84 2.99 -5.70
CA ALA A 170 13.45 2.58 -5.59
C ALA A 170 12.65 3.12 -6.78
N LYS A 171 13.08 4.23 -7.34
CA LYS A 171 12.42 4.76 -8.53
C LYS A 171 12.58 3.86 -9.77
N TYR A 172 13.79 3.35 -10.02
CA TYR A 172 14.13 2.61 -11.25
C TYR A 172 14.16 1.10 -11.09
N VAL A 173 13.10 0.47 -11.58
CA VAL A 173 12.62 -0.84 -11.15
C VAL A 173 12.48 -1.72 -12.40
N ALA A 174 12.22 -1.01 -13.50
CA ALA A 174 12.22 -1.59 -14.83
C ALA A 174 13.06 -0.69 -15.73
N THR A 175 13.88 0.17 -15.15
CA THR A 175 14.96 0.74 -15.91
C THR A 175 16.13 1.23 -15.06
N ASN A 176 17.30 1.44 -15.68
CA ASN A 176 18.51 1.90 -14.98
C ASN A 176 18.80 3.38 -15.21
N PHE A 177 19.64 3.92 -14.33
CA PHE A 177 20.08 5.32 -14.41
C PHE A 177 21.61 5.54 -14.21
N LYS A 178 21.99 6.76 -13.91
CA LYS A 178 23.37 7.02 -13.65
C LYS A 178 23.47 7.95 -12.44
N PRO A 179 24.48 7.75 -11.58
CA PRO A 179 24.82 8.72 -10.55
C PRO A 179 24.92 10.19 -11.01
N ASN A 180 24.15 11.04 -10.32
CA ASN A 180 23.77 12.34 -10.85
C ASN A 180 24.73 13.47 -10.49
N LEU A 181 25.56 13.20 -9.47
CA LEU A 181 26.64 14.07 -8.95
C LEU A 181 26.39 14.18 -7.47
N ALA A 182 25.10 14.19 -7.11
CA ALA A 182 24.67 14.27 -5.72
C ALA A 182 24.85 12.92 -5.04
N ILE A 183 24.39 11.87 -5.70
CA ILE A 183 24.64 10.50 -5.25
C ILE A 183 26.14 10.15 -5.10
N ILE A 184 26.96 10.61 -6.05
CA ILE A 184 28.43 10.51 -5.91
C ILE A 184 28.96 11.23 -4.67
N SER A 185 28.65 12.51 -4.55
CA SER A 185 29.07 13.31 -3.39
C SER A 185 28.63 12.76 -2.03
N LEU A 186 27.41 12.22 -1.93
CA LEU A 186 27.00 11.59 -0.67
C LEU A 186 27.95 10.44 -0.47
N GLU A 187 28.14 9.63 -1.51
CA GLU A 187 29.10 8.51 -1.48
C GLU A 187 30.51 8.89 -1.00
N ASN A 188 31.18 9.78 -1.74
CA ASN A 188 32.51 10.27 -1.35
C ASN A 188 32.60 10.98 0.02
N GLN A 189 31.47 11.14 0.71
CA GLN A 189 31.43 12.04 1.87
C GLN A 189 30.88 11.47 3.16
N TRP A 190 30.20 10.34 3.06
CA TRP A 190 29.81 9.60 4.27
C TRP A 190 31.06 9.18 5.01
N SER A 191 31.39 9.90 6.07
CA SER A 191 32.61 9.65 6.85
C SER A 191 33.06 10.98 7.38
N ALA A 192 33.20 11.94 6.48
CA ALA A 192 33.35 13.33 6.86
C ALA A 192 32.03 13.81 7.51
N LEU A 193 30.92 13.43 6.90
CA LEU A 193 29.59 13.65 7.47
C LEU A 193 29.49 12.93 8.81
N SER A 194 30.03 11.72 8.92
CA SER A 194 30.02 10.96 10.19
C SER A 194 30.92 11.58 11.25
N LYS A 195 32.10 12.02 10.83
CA LYS A 195 33.03 12.70 11.72
C LYS A 195 32.47 13.99 12.29
N GLN A 196 31.77 14.77 11.45
CA GLN A 196 31.25 16.04 11.93
C GLN A 196 29.95 16.01 12.71
N ILE A 197 29.05 15.09 12.38
CA ILE A 197 27.86 14.88 13.22
C ILE A 197 28.27 14.32 14.58
N PHE A 198 29.35 13.54 14.63
CA PHE A 198 29.90 13.07 15.91
C PHE A 198 30.47 14.25 16.73
N LEU A 199 31.32 15.05 16.12
CA LEU A 199 31.83 16.24 16.78
C LEU A 199 30.68 17.18 17.20
N ALA A 200 29.74 17.38 16.28
CA ALA A 200 28.68 18.35 16.47
C ALA A 200 27.76 18.07 17.67
N GLN A 201 28.12 17.09 18.49
CA GLN A 201 27.50 16.92 19.82
C GLN A 201 28.09 17.91 20.84
N ASN A 202 29.39 18.19 20.68
CA ASN A 202 30.20 18.96 21.64
C ASN A 202 29.99 20.46 21.47
N GLN A 203 29.74 20.89 20.25
CA GLN A 203 29.39 22.30 19.99
C GLN A 203 27.92 22.41 19.58
N GLY A 204 27.09 21.63 20.26
CA GLY A 204 25.65 21.78 20.19
C GLY A 204 25.05 22.06 18.82
N GLY A 205 25.40 21.23 17.83
CA GLY A 205 24.76 21.30 16.52
C GLY A 205 25.69 21.59 15.36
N LYS A 206 26.62 22.51 15.55
CA LYS A 206 27.43 22.99 14.46
C LYS A 206 28.60 22.08 14.18
N PHE A 207 28.93 21.94 12.90
CA PHE A 207 30.13 21.21 12.48
C PHE A 207 31.43 21.90 12.91
N ARG A 208 32.47 21.10 13.03
CA ARG A 208 33.80 21.64 13.29
C ARG A 208 34.42 22.05 11.96
N ASN A 209 34.33 21.16 10.97
CA ASN A 209 34.69 21.52 9.61
C ASN A 209 33.46 21.39 8.70
N PRO A 210 33.43 22.17 7.61
CA PRO A 210 32.27 22.11 6.72
C PRO A 210 32.39 20.95 5.74
N VAL A 211 31.26 20.43 5.29
CA VAL A 211 31.28 19.34 4.33
C VAL A 211 30.71 19.83 3.01
N ASP A 212 31.47 19.63 1.95
CA ASP A 212 31.14 20.13 0.62
C ASP A 212 30.54 19.10 -0.32
N LEU A 213 29.33 19.41 -0.79
CA LEU A 213 28.55 18.53 -1.66
C LEU A 213 28.21 19.22 -3.01
N ILE A 214 27.67 18.44 -3.96
CA ILE A 214 27.35 18.96 -5.30
C ILE A 214 25.95 18.54 -5.68
N LYS A 215 25.15 19.53 -6.03
CA LYS A 215 23.80 19.32 -6.54
C LYS A 215 23.89 18.56 -7.86
N PRO A 216 22.82 17.82 -8.21
CA PRO A 216 22.71 16.98 -9.42
C PRO A 216 23.00 17.74 -10.69
N THR A 217 22.99 19.06 -10.53
CA THR A 217 23.01 20.02 -11.62
C THR A 217 24.35 20.73 -11.67
N GLY A 218 25.15 20.48 -10.63
CA GLY A 218 26.54 20.86 -10.66
C GLY A 218 26.86 22.00 -9.74
N GLN A 219 25.96 22.26 -8.80
CA GLN A 219 26.13 23.41 -7.91
C GLN A 219 26.73 22.99 -6.60
N ARG A 220 27.92 23.52 -6.35
CA ARG A 220 28.67 23.18 -5.15
C ARG A 220 28.14 24.01 -4.00
N PHE A 221 27.52 23.34 -3.04
CA PHE A 221 27.15 23.99 -1.78
C PHE A 221 27.90 23.38 -0.60
N GLN A 222 27.57 23.81 0.61
CA GLN A 222 28.12 23.15 1.79
C GLN A 222 27.15 23.06 2.94
N VAL A 223 27.24 21.93 3.66
CA VAL A 223 26.48 21.69 4.88
C VAL A 223 27.42 21.82 6.07
N THR A 224 26.89 22.39 7.15
CA THR A 224 27.70 22.84 8.27
C THR A 224 26.92 22.77 9.59
N ASN A 225 25.74 22.14 9.53
CA ASN A 225 24.93 21.91 10.73
C ASN A 225 24.13 20.63 10.59
N VAL A 226 23.81 20.07 11.75
CA VAL A 226 22.97 18.91 11.84
C VAL A 226 21.52 19.30 11.53
N ASP A 227 21.29 20.60 11.37
CA ASP A 227 20.00 21.11 10.91
C ASP A 227 19.75 20.88 9.42
N SER A 228 20.81 21.10 8.63
CA SER A 228 20.80 20.98 7.18
C SER A 228 19.99 19.80 6.66
N ASP A 229 19.49 19.95 5.43
CA ASP A 229 18.60 18.95 4.81
C ASP A 229 19.22 17.55 4.57
N VAL A 230 20.55 17.50 4.42
CA VAL A 230 21.29 16.24 4.25
C VAL A 230 21.33 15.43 5.53
N VAL A 231 21.76 16.06 6.62
CA VAL A 231 21.77 15.40 7.93
C VAL A 231 20.37 14.99 8.38
N LYS A 232 19.38 15.84 8.06
CA LYS A 232 18.13 15.92 8.82
C LYS A 232 17.13 14.81 8.56
N GLY A 233 16.98 14.43 7.30
CA GLY A 233 16.12 13.30 7.02
C GLY A 233 16.76 12.29 6.10
N ASN A 234 18.01 12.53 5.73
CA ASN A 234 18.70 11.77 4.70
C ASN A 234 19.60 10.62 5.24
N ILE A 235 20.72 10.98 5.87
CA ILE A 235 21.63 10.03 6.50
C ILE A 235 20.94 9.08 7.48
N LYS A 236 21.36 7.81 7.48
CA LYS A 236 20.66 6.75 8.22
C LYS A 236 21.60 5.79 8.97
N LEU A 237 22.88 5.85 8.61
CA LEU A 237 23.95 5.08 9.27
C LEU A 237 25.16 5.98 9.49
N LEU A 238 25.69 5.99 10.71
CA LEU A 238 26.83 6.85 11.06
C LEU A 238 28.08 5.97 11.15
N LEU A 239 29.18 6.43 10.55
CA LEU A 239 30.48 5.73 10.63
C LEU A 239 31.05 5.69 12.06
N ASN A 240 31.50 4.51 12.46
CA ASN A 240 32.14 4.32 13.76
C ASN A 240 33.21 5.37 14.09
N SER A 241 33.02 5.97 15.26
CA SER A 241 33.89 7.01 15.82
C SER A 241 35.39 6.94 15.51
N ARG A 242 35.97 5.74 15.61
CA ARG A 242 37.41 5.57 15.44
C ARG A 242 37.81 5.78 13.99
N ALA A 243 37.09 5.09 13.11
CA ALA A 243 37.23 5.24 11.68
C ALA A 243 36.97 6.69 11.22
N SER A 244 35.92 7.31 11.72
CA SER A 244 35.53 8.63 11.24
C SER A 244 36.46 9.77 11.67
N THR A 245 37.14 9.62 12.80
CA THR A 245 38.06 10.67 13.28
C THR A 245 39.55 10.51 12.96
N ALA A 246 40.02 9.27 12.85
CA ALA A 246 41.42 9.00 12.52
C ALA A 246 41.86 9.82 11.32
N ASP A 247 41.17 9.59 10.20
CA ASP A 247 41.21 10.50 9.05
C ASP A 247 40.68 11.88 9.45
N GLU A 248 41.34 12.93 9.00
CA GLU A 248 40.80 14.28 9.22
C GLU A 248 39.67 14.54 8.24
N ASN A 249 38.54 13.92 8.58
CA ASN A 249 37.24 14.01 7.91
C ASN A 249 37.00 12.89 6.88
N ASP B 1 -37.90 -7.27 -11.84
CA ASP B 1 -38.18 -7.51 -10.39
C ASP B 1 -37.23 -8.58 -9.83
N VAL B 2 -36.14 -8.13 -9.22
CA VAL B 2 -35.22 -9.05 -8.56
C VAL B 2 -35.90 -9.61 -7.32
N ASN B 3 -36.07 -10.92 -7.26
CA ASN B 3 -36.77 -11.55 -6.15
C ASN B 3 -35.91 -11.91 -4.93
N PHE B 4 -36.50 -11.88 -3.75
CA PHE B 4 -35.87 -12.55 -2.63
C PHE B 4 -36.84 -12.95 -1.55
N ASP B 5 -37.20 -14.23 -1.59
CA ASP B 5 -38.10 -14.82 -0.60
C ASP B 5 -37.35 -15.46 0.55
N LEU B 6 -37.34 -14.77 1.69
CA LEU B 6 -36.65 -15.22 2.91
C LEU B 6 -37.06 -16.61 3.36
N SER B 7 -38.25 -17.06 2.96
CA SER B 7 -38.83 -18.29 3.51
C SER B 7 -38.29 -19.56 2.83
N THR B 8 -37.35 -19.34 1.91
CA THR B 8 -36.60 -20.39 1.23
C THR B 8 -35.10 -19.97 1.16
N ALA B 9 -34.64 -19.23 2.16
CA ALA B 9 -33.36 -18.55 2.04
C ALA B 9 -32.20 -19.30 2.68
N THR B 10 -31.35 -19.84 1.83
CA THR B 10 -30.00 -20.33 2.25
C THR B 10 -28.97 -19.27 1.91
N ALA B 11 -27.71 -19.49 2.25
CA ALA B 11 -26.67 -18.55 1.85
C ALA B 11 -26.45 -18.65 0.37
N LYS B 12 -26.88 -19.77 -0.19
CA LYS B 12 -26.81 -20.01 -1.62
C LYS B 12 -27.69 -19.00 -2.36
N THR B 13 -28.97 -19.02 -2.02
CA THR B 13 -29.99 -18.16 -2.64
C THR B 13 -29.81 -16.68 -2.31
N TYR B 14 -29.29 -16.37 -1.13
CA TYR B 14 -28.95 -14.99 -0.82
C TYR B 14 -27.89 -14.42 -1.78
N THR B 15 -26.83 -15.16 -2.05
CA THR B 15 -25.81 -14.60 -2.93
C THR B 15 -26.26 -14.63 -4.41
N LYS B 16 -27.20 -15.50 -4.75
CA LYS B 16 -27.78 -15.52 -6.10
C LYS B 16 -28.58 -14.25 -6.38
N PHE B 17 -29.56 -13.99 -5.53
CA PHE B 17 -30.23 -12.70 -5.50
C PHE B 17 -29.21 -11.52 -5.59
N ILE B 18 -28.10 -11.60 -4.88
CA ILE B 18 -27.11 -10.51 -4.91
C ILE B 18 -26.35 -10.47 -6.21
N GLU B 19 -26.33 -11.59 -6.94
CA GLU B 19 -25.72 -11.60 -8.27
C GLU B 19 -26.76 -11.23 -9.36
N ASP B 20 -28.05 -11.49 -9.11
CA ASP B 20 -29.13 -10.96 -9.96
C ASP B 20 -29.22 -9.44 -9.85
N PHE B 21 -29.24 -8.98 -8.62
CA PHE B 21 -29.35 -7.57 -8.35
C PHE B 21 -28.24 -6.80 -9.05
N ARG B 22 -26.97 -7.12 -8.78
CA ARG B 22 -25.88 -6.49 -9.56
C ARG B 22 -26.08 -6.63 -11.09
N ALA B 23 -26.54 -7.81 -11.53
CA ALA B 23 -26.63 -8.11 -12.97
C ALA B 23 -27.71 -7.33 -13.69
N THR B 24 -28.75 -6.91 -12.97
CA THR B 24 -29.76 -6.07 -13.62
C THR B 24 -29.46 -4.56 -13.55
N LEU B 25 -28.61 -4.11 -12.65
CA LEU B 25 -28.16 -2.73 -12.75
C LEU B 25 -27.45 -2.53 -14.10
N PRO B 26 -27.86 -1.49 -14.88
CA PRO B 26 -27.16 -1.17 -16.13
C PRO B 26 -25.94 -0.30 -15.92
N PHE B 27 -24.93 -0.44 -16.77
CA PHE B 27 -23.78 0.43 -16.66
C PHE B 27 -23.24 0.88 -18.00
N SER B 28 -22.54 2.00 -17.96
CA SER B 28 -21.90 2.59 -19.13
C SER B 28 -20.86 1.62 -19.69
N HIS B 29 -19.83 1.40 -18.89
CA HIS B 29 -18.69 0.56 -19.26
C HIS B 29 -18.02 0.09 -17.98
N LYS B 30 -16.85 -0.53 -18.10
CA LYS B 30 -16.12 -0.93 -16.92
C LYS B 30 -14.88 -0.08 -16.71
N VAL B 31 -14.64 0.33 -15.48
CA VAL B 31 -13.30 0.75 -15.10
C VAL B 31 -12.72 -0.42 -14.33
N TYR B 32 -11.59 -0.92 -14.81
CA TYR B 32 -10.82 -1.92 -14.08
C TYR B 32 -11.62 -3.15 -13.70
N ASP B 33 -12.43 -3.61 -14.64
CA ASP B 33 -13.24 -4.82 -14.49
C ASP B 33 -14.52 -4.59 -13.70
N ILE B 34 -14.68 -3.39 -13.14
CA ILE B 34 -15.82 -3.08 -12.29
C ILE B 34 -16.80 -2.14 -12.95
N PRO B 35 -18.09 -2.55 -13.02
CA PRO B 35 -19.04 -1.75 -13.80
C PRO B 35 -19.25 -0.34 -13.24
N LEU B 36 -18.93 0.66 -14.05
CA LEU B 36 -19.20 2.07 -13.74
C LEU B 36 -20.61 2.45 -14.19
N LEU B 37 -21.39 2.95 -13.23
CA LEU B 37 -22.83 3.15 -13.39
C LEU B 37 -23.21 4.38 -14.26
N TYR B 38 -24.35 4.27 -14.92
CA TYR B 38 -24.90 5.36 -15.74
C TYR B 38 -25.09 6.63 -14.96
N SER B 39 -24.61 7.73 -15.52
CA SER B 39 -24.65 9.03 -14.84
C SER B 39 -25.99 9.73 -14.97
N THR B 40 -26.53 9.64 -16.17
CA THR B 40 -27.88 10.08 -16.50
C THR B 40 -28.47 9.02 -17.40
N ILE B 41 -29.70 8.62 -17.12
CA ILE B 41 -30.30 7.48 -17.79
C ILE B 41 -31.78 7.72 -18.07
N SER B 42 -32.25 7.05 -19.11
CA SER B 42 -33.66 7.08 -19.49
C SER B 42 -34.63 6.75 -18.33
N ASP B 43 -35.66 7.58 -18.19
CA ASP B 43 -36.64 7.50 -17.09
C ASP B 43 -37.23 6.11 -16.97
N SER B 44 -37.40 5.45 -18.11
CA SER B 44 -37.99 4.12 -18.18
C SER B 44 -36.98 3.05 -17.80
N ARG B 45 -35.73 3.44 -17.67
CA ARG B 45 -34.70 2.53 -17.20
C ARG B 45 -34.04 3.02 -15.92
N ARG B 46 -34.67 4.04 -15.34
CA ARG B 46 -34.17 4.63 -14.12
C ARG B 46 -34.23 3.70 -12.92
N PHE B 47 -35.34 3.02 -12.70
CA PHE B 47 -35.61 2.44 -11.40
C PHE B 47 -35.87 0.96 -11.52
N ILE B 48 -35.21 0.15 -10.68
CA ILE B 48 -35.57 -1.28 -10.58
C ILE B 48 -36.15 -1.67 -9.24
N LEU B 49 -36.81 -2.82 -9.19
CA LEU B 49 -37.69 -3.11 -8.07
C LEU B 49 -37.26 -4.41 -7.45
N LEU B 50 -36.87 -4.39 -6.18
CA LEU B 50 -36.67 -5.65 -5.46
C LEU B 50 -38.00 -6.18 -4.93
N ASN B 51 -38.23 -7.49 -5.04
CA ASN B 51 -39.44 -8.10 -4.50
C ASN B 51 -39.12 -8.97 -3.30
N LEU B 52 -39.35 -8.43 -2.11
CA LEU B 52 -38.89 -9.01 -0.86
C LEU B 52 -40.05 -9.56 -0.03
N THR B 53 -39.95 -10.82 0.40
CA THR B 53 -40.96 -11.50 1.20
C THR B 53 -40.28 -12.05 2.48
N SER B 54 -40.87 -11.77 3.63
CA SER B 54 -40.34 -12.30 4.89
C SER B 54 -40.47 -13.84 4.95
N TYR B 55 -39.98 -14.45 6.03
CA TYR B 55 -40.32 -15.83 6.39
C TYR B 55 -41.81 -16.13 6.34
N ALA B 56 -42.61 -15.17 6.82
CA ALA B 56 -44.02 -15.42 7.07
C ALA B 56 -44.97 -14.91 5.98
N TYR B 57 -44.37 -14.37 4.92
CA TYR B 57 -45.02 -14.09 3.63
C TYR B 57 -45.50 -12.66 3.40
N GLU B 58 -45.36 -11.78 4.39
CA GLU B 58 -45.51 -10.33 4.15
C GLU B 58 -44.53 -9.88 3.06
N THR B 59 -45.03 -9.24 2.00
CA THR B 59 -44.17 -8.89 0.86
C THR B 59 -44.13 -7.37 0.73
N ILE B 60 -42.91 -6.83 0.70
CA ILE B 60 -42.72 -5.40 0.39
C ILE B 60 -41.92 -5.15 -0.88
N SER B 61 -42.39 -4.20 -1.68
CA SER B 61 -41.75 -3.88 -2.95
C SER B 61 -40.85 -2.66 -2.80
N VAL B 62 -39.56 -2.79 -3.02
CA VAL B 62 -38.70 -1.63 -2.82
C VAL B 62 -37.94 -1.18 -4.04
N ALA B 63 -37.80 0.13 -4.20
CA ALA B 63 -37.43 0.70 -5.48
C ALA B 63 -36.01 1.24 -5.44
N ILE B 64 -35.18 0.73 -6.35
CA ILE B 64 -33.77 1.08 -6.43
C ILE B 64 -33.53 2.03 -7.60
N ASP B 65 -32.83 3.11 -7.31
CA ASP B 65 -32.25 4.05 -8.27
C ASP B 65 -31.00 3.41 -8.94
N VAL B 66 -31.06 3.06 -10.22
CA VAL B 66 -29.95 2.35 -10.86
C VAL B 66 -28.72 3.21 -11.07
N THR B 67 -28.82 4.48 -10.71
CA THR B 67 -27.76 5.43 -11.00
C THR B 67 -26.75 5.44 -9.84
N ASN B 68 -27.21 4.91 -8.71
CA ASN B 68 -26.46 5.01 -7.48
C ASN B 68 -26.79 3.96 -6.46
N VAL B 69 -27.56 2.97 -6.89
CA VAL B 69 -27.97 1.86 -6.03
C VAL B 69 -28.59 2.25 -4.69
N TYR B 70 -29.07 3.49 -4.62
CA TYR B 70 -29.90 4.02 -3.52
C TYR B 70 -31.29 3.45 -3.59
N VAL B 71 -31.88 3.16 -2.45
CA VAL B 71 -33.32 2.93 -2.41
C VAL B 71 -34.15 4.22 -2.19
N VAL B 72 -34.98 4.52 -3.18
CA VAL B 72 -35.71 5.77 -3.19
C VAL B 72 -37.08 5.69 -2.48
N ALA B 73 -37.53 4.47 -2.17
CA ALA B 73 -38.89 4.26 -1.69
C ALA B 73 -39.17 2.80 -1.55
N TYR B 74 -40.28 2.47 -0.89
CA TYR B 74 -40.88 1.13 -0.97
C TYR B 74 -42.41 1.17 -0.89
N ARG B 75 -43.04 0.04 -1.18
CA ARG B 75 -44.48 -0.05 -1.10
C ARG B 75 -44.89 -1.26 -0.28
N THR B 76 -45.82 -1.01 0.64
CA THR B 76 -46.51 -2.06 1.34
C THR B 76 -47.99 -2.04 0.98
N ARG B 77 -48.47 -3.17 0.47
CA ARG B 77 -49.79 -3.30 -0.12
C ARG B 77 -50.16 -2.15 -1.04
N ASP B 78 -50.66 -1.07 -0.44
CA ASP B 78 -51.33 -0.01 -1.18
C ASP B 78 -50.76 1.36 -0.91
N VAL B 79 -49.97 1.47 0.14
CA VAL B 79 -49.27 2.70 0.40
C VAL B 79 -47.83 2.59 -0.05
N SER B 80 -47.26 3.71 -0.43
CA SER B 80 -45.89 3.74 -0.81
C SER B 80 -45.33 4.90 -0.04
N TYR B 81 -44.08 4.73 0.41
CA TYR B 81 -43.41 5.71 1.25
C TYR B 81 -42.13 6.12 0.52
N PHE B 82 -41.78 7.40 0.59
CA PHE B 82 -40.75 8.00 -0.29
C PHE B 82 -39.80 8.82 0.58
N PHE B 83 -38.50 8.60 0.52
CA PHE B 83 -37.63 9.47 1.30
C PHE B 83 -37.80 10.99 1.02
N LYS B 84 -37.82 11.82 2.05
CA LYS B 84 -37.74 13.27 1.83
C LYS B 84 -36.69 13.62 0.77
N GLU B 85 -37.11 14.37 -0.25
CA GLU B 85 -36.19 14.81 -1.30
C GLU B 85 -35.70 13.69 -2.24
N SER B 86 -36.54 12.66 -2.37
CA SER B 86 -36.38 11.59 -3.33
C SER B 86 -36.63 12.15 -4.75
N PRO B 87 -36.00 11.56 -5.79
CA PRO B 87 -36.00 12.17 -7.12
C PRO B 87 -37.40 12.39 -7.74
N PRO B 88 -37.55 13.47 -8.52
CA PRO B 88 -38.83 13.83 -9.15
C PRO B 88 -39.36 12.69 -9.98
N GLU B 89 -38.51 12.10 -10.76
CA GLU B 89 -38.90 10.94 -11.53
C GLU B 89 -39.56 9.86 -10.66
N ALA B 90 -39.19 9.84 -9.38
CA ALA B 90 -39.55 8.71 -8.52
C ALA B 90 -41.05 8.66 -8.35
N TYR B 91 -41.56 9.81 -7.96
CA TYR B 91 -42.97 10.07 -7.69
C TYR B 91 -43.76 9.90 -8.99
N ASN B 92 -43.19 10.40 -10.07
CA ASN B 92 -43.76 10.26 -11.41
C ASN B 92 -44.03 8.79 -11.71
N ILE B 93 -42.96 8.00 -11.74
CA ILE B 93 -43.03 6.70 -12.41
C ILE B 93 -43.32 5.52 -11.47
N LEU B 94 -42.85 5.63 -10.23
CA LEU B 94 -42.97 4.55 -9.26
C LEU B 94 -44.36 4.39 -8.69
N PHE B 95 -44.67 3.15 -8.38
CA PHE B 95 -45.78 2.81 -7.49
C PHE B 95 -47.05 3.61 -7.82
N LYS B 96 -47.42 3.66 -9.09
CA LYS B 96 -48.59 4.43 -9.50
C LYS B 96 -49.86 3.65 -9.19
N GLY B 97 -50.72 4.25 -8.39
CA GLY B 97 -51.90 3.56 -7.90
C GLY B 97 -51.96 3.58 -6.38
N THR B 98 -50.90 4.13 -5.80
CA THR B 98 -50.63 4.00 -4.39
C THR B 98 -50.81 5.36 -3.69
N ARG B 99 -51.48 5.35 -2.54
CA ARG B 99 -51.40 6.50 -1.67
C ARG B 99 -49.92 6.75 -1.32
N LYS B 100 -49.31 7.67 -2.06
CA LYS B 100 -47.93 8.07 -1.83
C LYS B 100 -47.77 8.95 -0.62
N ILE B 101 -47.01 8.48 0.36
CA ILE B 101 -46.63 9.28 1.52
C ILE B 101 -45.15 9.60 1.49
N THR B 102 -44.77 10.86 1.73
CA THR B 102 -43.36 11.21 1.90
C THR B 102 -42.85 11.18 3.35
N LEU B 103 -41.73 10.49 3.55
CA LEU B 103 -41.06 10.35 4.86
C LEU B 103 -40.26 11.59 5.23
N PRO B 104 -40.35 12.01 6.49
CA PRO B 104 -39.74 13.28 6.98
C PRO B 104 -38.24 13.34 6.95
N TYR B 105 -37.63 12.15 6.96
CA TYR B 105 -36.19 11.97 6.78
C TYR B 105 -35.82 11.58 5.37
N THR B 106 -34.56 11.86 5.04
CA THR B 106 -33.95 11.45 3.79
C THR B 106 -33.37 10.05 3.96
N GLY B 107 -32.88 9.50 2.86
CA GLY B 107 -32.47 8.11 2.84
C GLY B 107 -31.02 7.89 3.21
N ASN B 108 -30.37 8.89 3.76
CA ASN B 108 -28.97 8.75 4.08
C ASN B 108 -28.65 8.51 5.57
N TYR B 109 -27.47 7.98 5.86
CA TYR B 109 -27.24 7.38 7.15
C TYR B 109 -27.34 8.36 8.27
N GLU B 110 -26.86 9.58 8.00
CA GLU B 110 -26.87 10.61 9.02
C GLU B 110 -28.30 11.03 9.38
N ASN B 111 -29.22 10.91 8.45
CA ASN B 111 -30.58 11.37 8.66
C ASN B 111 -31.38 10.21 9.22
N LEU B 112 -31.31 9.09 8.49
CA LEU B 112 -31.83 7.81 8.96
C LEU B 112 -31.46 7.46 10.41
N GLN B 113 -30.26 7.86 10.84
CA GLN B 113 -29.82 7.50 12.18
C GLN B 113 -30.29 8.38 13.31
N THR B 114 -30.40 9.67 13.07
CA THR B 114 -31.01 10.49 14.10
C THR B 114 -32.48 10.15 14.20
N ALA B 115 -33.15 9.93 13.07
CA ALA B 115 -34.53 9.39 13.06
C ALA B 115 -34.71 8.12 13.88
N ALA B 116 -33.77 7.19 13.77
CA ALA B 116 -33.85 5.92 14.46
C ALA B 116 -33.34 6.08 15.88
N HIS B 117 -32.54 7.12 16.11
CA HIS B 117 -31.94 7.35 17.41
C HIS B 117 -30.90 6.30 17.78
N LYS B 118 -30.37 5.62 16.76
CA LYS B 118 -29.48 4.46 16.94
C LYS B 118 -28.54 4.50 15.76
N ILE B 119 -27.22 4.54 15.98
CA ILE B 119 -26.28 4.36 14.85
C ILE B 119 -26.34 2.93 14.34
N ARG B 120 -25.88 2.74 13.12
CA ARG B 120 -26.06 1.46 12.46
C ARG B 120 -25.04 0.43 12.93
N GLU B 121 -24.10 0.90 13.74
CA GLU B 121 -23.16 0.04 14.47
C GLU B 121 -23.86 -0.78 15.53
N ASN B 122 -25.03 -0.35 15.95
CA ASN B 122 -25.70 -0.96 17.08
C ASN B 122 -27.04 -1.59 16.66
N ILE B 123 -27.04 -2.12 15.45
CA ILE B 123 -28.24 -2.61 14.79
C ILE B 123 -27.86 -3.94 14.13
N ASP B 124 -28.58 -4.98 14.44
CA ASP B 124 -28.24 -6.31 13.93
C ASP B 124 -28.52 -6.52 12.45
N LEU B 125 -27.57 -7.17 11.78
CA LEU B 125 -27.66 -7.58 10.38
C LEU B 125 -27.70 -9.12 10.25
N GLY B 126 -28.06 -9.64 9.09
CA GLY B 126 -28.19 -11.08 8.92
C GLY B 126 -29.45 -11.42 8.16
N LEU B 127 -29.63 -12.64 7.69
CA LEU B 127 -30.90 -12.94 7.04
C LEU B 127 -32.06 -12.89 8.02
N PRO B 128 -31.87 -13.27 9.30
CA PRO B 128 -33.00 -13.07 10.23
C PRO B 128 -33.44 -11.61 10.35
N ALA B 129 -32.49 -10.70 10.54
CA ALA B 129 -32.77 -9.32 10.82
C ALA B 129 -33.33 -8.62 9.59
N LEU B 130 -33.22 -9.27 8.44
CA LEU B 130 -33.85 -8.81 7.18
C LEU B 130 -35.35 -9.17 7.14
N SER B 131 -35.69 -10.42 7.45
CA SER B 131 -37.08 -10.83 7.42
C SER B 131 -37.90 -10.22 8.54
N SER B 132 -37.22 -9.44 9.36
CA SER B 132 -37.86 -8.69 10.45
C SER B 132 -37.92 -7.18 10.12
N ALA B 133 -37.03 -6.72 9.24
CA ALA B 133 -37.08 -5.36 8.72
C ALA B 133 -38.21 -5.24 7.72
N ILE B 134 -38.64 -6.39 7.22
CA ILE B 134 -39.72 -6.51 6.25
C ILE B 134 -41.09 -6.57 6.92
N THR B 135 -41.19 -7.35 7.99
CA THR B 135 -42.43 -7.38 8.77
C THR B 135 -42.74 -5.98 9.33
N THR B 136 -41.78 -5.32 9.96
CA THR B 136 -42.00 -3.99 10.50
C THR B 136 -42.15 -2.93 9.39
N LEU B 137 -41.82 -3.30 8.17
CA LEU B 137 -41.99 -2.39 7.05
C LEU B 137 -43.31 -2.64 6.36
N PHE B 138 -43.75 -3.88 6.46
CA PHE B 138 -45.01 -4.23 5.84
C PHE B 138 -46.12 -3.59 6.64
N TYR B 139 -45.95 -3.59 7.96
CA TYR B 139 -46.84 -3.04 8.99
C TYR B 139 -46.28 -1.69 9.47
N TYR B 140 -46.14 -0.74 8.54
CA TYR B 140 -45.48 0.55 8.79
C TYR B 140 -45.89 1.19 10.09
N ASN B 141 -44.92 1.82 10.73
CA ASN B 141 -45.11 2.58 11.94
C ASN B 141 -43.95 3.54 12.01
N ALA B 142 -44.21 4.76 12.44
CA ALA B 142 -43.29 5.85 12.19
C ALA B 142 -42.08 5.76 13.09
N GLN B 143 -42.28 5.10 14.24
CA GLN B 143 -41.22 4.96 15.24
C GLN B 143 -40.28 3.76 14.91
N SER B 144 -40.84 2.70 14.33
CA SER B 144 -40.06 1.52 14.05
C SER B 144 -39.39 1.54 12.69
N ALA B 145 -40.02 2.15 11.70
CA ALA B 145 -39.55 2.07 10.31
C ALA B 145 -38.07 2.43 10.16
N PRO B 146 -37.64 3.59 10.68
CA PRO B 146 -36.29 3.96 10.21
C PRO B 146 -35.24 2.91 10.52
N SER B 147 -35.32 2.28 11.68
CA SER B 147 -34.30 1.30 12.07
C SER B 147 -34.34 0.10 11.11
N ALA B 148 -35.54 -0.40 10.82
CA ALA B 148 -35.70 -1.44 9.80
C ALA B 148 -35.16 -1.06 8.43
N LEU B 149 -35.19 0.22 8.08
CA LEU B 149 -34.79 0.65 6.74
C LEU B 149 -33.28 0.62 6.67
N LEU B 150 -32.66 1.16 7.71
CA LEU B 150 -31.22 1.05 7.97
C LEU B 150 -30.69 -0.37 7.80
N VAL B 151 -31.47 -1.37 8.17
CA VAL B 151 -31.10 -2.77 7.97
C VAL B 151 -31.33 -3.22 6.53
N LEU B 152 -32.48 -2.85 5.96
CA LEU B 152 -32.85 -3.19 4.59
C LEU B 152 -31.83 -2.67 3.55
N ILE B 153 -31.27 -1.49 3.75
CA ILE B 153 -30.23 -0.98 2.82
C ILE B 153 -28.82 -1.62 2.95
N GLN B 154 -28.40 -1.99 4.14
CA GLN B 154 -27.13 -2.70 4.31
C GLN B 154 -27.14 -4.15 3.83
N THR B 155 -28.22 -4.88 4.06
CA THR B 155 -28.33 -6.22 3.49
C THR B 155 -28.66 -6.30 2.00
N THR B 156 -29.17 -5.22 1.40
CA THR B 156 -29.39 -5.21 -0.05
C THR B 156 -28.37 -4.37 -0.86
N ALA B 157 -28.61 -3.07 -0.96
CA ALA B 157 -27.78 -2.21 -1.77
C ALA B 157 -26.30 -2.25 -1.42
N GLU B 158 -25.99 -2.29 -0.12
CA GLU B 158 -24.59 -2.27 0.31
C GLU B 158 -23.87 -3.61 0.05
N ALA B 159 -24.61 -4.71 0.19
CA ALA B 159 -24.12 -6.00 -0.24
C ALA B 159 -23.75 -6.04 -1.73
N ALA B 160 -24.65 -5.58 -2.60
CA ALA B 160 -24.38 -5.46 -4.04
C ALA B 160 -23.08 -4.70 -4.27
N ARG B 161 -22.92 -3.59 -3.58
CA ARG B 161 -21.78 -2.69 -3.73
C ARG B 161 -20.43 -3.33 -3.39
N PHE B 162 -20.39 -4.18 -2.37
CA PHE B 162 -19.13 -4.76 -1.83
C PHE B 162 -19.30 -6.23 -1.50
N LYS B 163 -18.48 -7.09 -2.07
CA LYS B 163 -18.51 -8.51 -1.69
C LYS B 163 -18.26 -8.79 -0.18
N TYR B 164 -17.34 -8.07 0.43
CA TYR B 164 -17.07 -8.24 1.84
C TYR B 164 -18.35 -8.28 2.65
N ILE B 165 -19.20 -7.30 2.40
CA ILE B 165 -20.52 -7.21 3.01
C ILE B 165 -21.48 -8.29 2.49
N GLU B 166 -21.44 -8.58 1.20
CA GLU B 166 -22.32 -9.63 0.70
C GLU B 166 -22.00 -10.95 1.38
N ARG B 167 -20.72 -11.19 1.64
CA ARG B 167 -20.28 -12.43 2.24
C ARG B 167 -20.60 -12.51 3.72
N HIS B 168 -20.28 -11.47 4.47
CA HIS B 168 -20.67 -11.41 5.86
C HIS B 168 -22.11 -11.77 6.10
N VAL B 169 -23.02 -11.22 5.32
CA VAL B 169 -24.42 -11.49 5.60
C VAL B 169 -24.83 -12.86 5.09
N ALA B 170 -24.09 -13.35 4.12
CA ALA B 170 -24.34 -14.68 3.57
C ALA B 170 -24.18 -15.79 4.64
N LYS B 171 -23.29 -15.53 5.60
CA LYS B 171 -22.95 -16.43 6.72
C LYS B 171 -24.05 -16.54 7.77
N TYR B 172 -24.58 -15.39 8.19
CA TYR B 172 -25.54 -15.34 9.28
C TYR B 172 -26.94 -15.50 8.77
N VAL B 173 -27.21 -16.68 8.24
CA VAL B 173 -28.51 -16.99 7.71
C VAL B 173 -29.47 -17.41 8.83
N ALA B 174 -28.92 -17.79 9.98
CA ALA B 174 -29.75 -18.32 11.07
C ALA B 174 -29.51 -17.55 12.35
N THR B 175 -28.75 -16.48 12.22
CA THR B 175 -28.25 -15.75 13.35
C THR B 175 -27.91 -14.34 12.80
N ASN B 176 -27.55 -13.38 13.65
CA ASN B 176 -27.33 -12.00 13.20
C ASN B 176 -26.03 -11.44 13.74
N PHE B 177 -25.46 -10.46 13.05
CA PHE B 177 -24.24 -9.78 13.52
C PHE B 177 -24.40 -8.27 13.78
N LYS B 178 -23.52 -7.69 14.57
CA LYS B 178 -23.28 -6.26 14.48
C LYS B 178 -22.25 -6.01 13.38
N PRO B 179 -22.45 -4.97 12.55
CA PRO B 179 -21.43 -4.44 11.65
C PRO B 179 -20.06 -4.16 12.28
N ASN B 180 -19.00 -4.51 11.56
CA ASN B 180 -17.75 -4.65 12.25
C ASN B 180 -16.74 -3.55 12.33
N LEU B 181 -16.83 -2.54 11.47
CA LEU B 181 -15.91 -1.36 11.47
C LEU B 181 -15.11 -1.35 10.18
N ALA B 182 -15.09 -2.49 9.49
CA ALA B 182 -14.71 -2.48 8.08
C ALA B 182 -15.94 -2.49 7.15
N ILE B 183 -17.02 -3.18 7.55
CA ILE B 183 -18.34 -2.99 6.91
C ILE B 183 -18.78 -1.51 6.93
N ILE B 184 -18.62 -0.85 8.08
CA ILE B 184 -18.90 0.57 8.18
C ILE B 184 -17.98 1.41 7.25
N SER B 185 -16.74 1.66 7.65
CA SER B 185 -15.66 2.14 6.74
C SER B 185 -15.87 2.04 5.22
N LEU B 186 -16.09 0.81 4.79
CA LEU B 186 -16.53 0.52 3.45
C LEU B 186 -17.72 1.37 3.04
N GLU B 187 -18.82 1.25 3.79
CA GLU B 187 -20.08 1.90 3.48
C GLU B 187 -19.88 3.41 3.30
N ASN B 188 -19.07 3.99 4.18
CA ASN B 188 -18.81 5.42 4.21
C ASN B 188 -17.90 5.89 3.09
N GLN B 189 -17.01 5.02 2.62
CA GLN B 189 -16.02 5.45 1.64
C GLN B 189 -16.21 4.90 0.24
N TRP B 190 -17.43 4.51 -0.06
CA TRP B 190 -17.83 4.13 -1.42
C TRP B 190 -17.74 5.32 -2.37
N SER B 191 -18.34 6.42 -1.97
CA SER B 191 -18.15 7.71 -2.61
C SER B 191 -16.71 7.88 -3.13
N ALA B 192 -15.76 7.69 -2.22
CA ALA B 192 -14.39 8.09 -2.42
C ALA B 192 -13.67 7.02 -3.20
N LEU B 193 -13.93 5.77 -2.86
CA LEU B 193 -13.37 4.66 -3.62
C LEU B 193 -13.84 4.83 -5.08
N SER B 194 -15.15 4.96 -5.28
CA SER B 194 -15.71 5.07 -6.62
C SER B 194 -15.14 6.28 -7.34
N LYS B 195 -14.99 7.38 -6.62
CA LYS B 195 -14.26 8.52 -7.18
C LYS B 195 -12.86 8.17 -7.72
N GLN B 196 -12.02 7.62 -6.85
CA GLN B 196 -10.59 7.46 -7.15
C GLN B 196 -10.25 6.35 -8.11
N ILE B 197 -10.97 5.24 -8.02
CA ILE B 197 -10.79 4.18 -8.97
C ILE B 197 -10.95 4.74 -10.38
N PHE B 198 -11.81 5.74 -10.48
CA PHE B 198 -12.18 6.35 -11.76
C PHE B 198 -11.02 7.19 -12.32
N LEU B 199 -10.57 8.17 -11.54
CA LEU B 199 -9.40 8.96 -11.89
C LEU B 199 -8.17 8.06 -12.10
N ALA B 200 -8.19 6.88 -11.50
CA ALA B 200 -7.07 5.95 -11.60
C ALA B 200 -6.90 5.43 -13.02
N GLN B 201 -7.94 5.53 -13.84
CA GLN B 201 -7.79 5.39 -15.29
C GLN B 201 -6.65 6.24 -15.87
N ASN B 202 -6.63 7.51 -15.48
CA ASN B 202 -5.77 8.52 -16.09
C ASN B 202 -4.26 8.35 -15.77
N GLN B 203 -3.93 7.72 -14.64
CA GLN B 203 -2.51 7.48 -14.31
C GLN B 203 -2.20 6.08 -13.80
N GLY B 204 -2.10 5.11 -14.70
CA GLY B 204 -1.55 3.79 -14.37
C GLY B 204 -2.35 2.86 -13.46
N GLY B 205 -2.97 3.43 -12.43
CA GLY B 205 -3.56 2.69 -11.34
C GLY B 205 -3.38 3.40 -10.01
N LYS B 206 -3.02 4.67 -10.07
CA LYS B 206 -2.74 5.47 -8.89
C LYS B 206 -3.97 6.28 -8.45
N PHE B 207 -4.11 6.44 -7.14
CA PHE B 207 -5.06 7.36 -6.54
C PHE B 207 -4.45 8.74 -6.42
N ARG B 208 -5.24 9.77 -6.70
CA ARG B 208 -4.77 11.14 -6.50
C ARG B 208 -4.76 11.44 -5.01
N ASN B 209 -5.86 11.08 -4.35
CA ASN B 209 -5.97 11.22 -2.91
C ASN B 209 -6.25 9.80 -2.33
N PRO B 210 -5.34 9.30 -1.46
CA PRO B 210 -5.54 7.97 -0.87
C PRO B 210 -6.82 7.90 -0.07
N VAL B 211 -7.42 6.73 0.00
CA VAL B 211 -8.69 6.60 0.69
C VAL B 211 -8.51 5.80 1.98
N ASP B 212 -8.88 6.42 3.09
CA ASP B 212 -8.61 5.91 4.42
C ASP B 212 -9.64 4.86 4.75
N LEU B 213 -9.19 3.73 5.30
CA LEU B 213 -10.10 2.69 5.76
C LEU B 213 -9.74 2.21 7.17
N ILE B 214 -10.53 1.29 7.70
CA ILE B 214 -10.38 0.77 9.08
C ILE B 214 -10.74 -0.73 9.12
N LYS B 215 -10.03 -1.46 9.98
CA LYS B 215 -10.13 -2.91 10.04
C LYS B 215 -11.08 -3.37 11.16
N PRO B 216 -11.44 -4.65 11.17
CA PRO B 216 -12.36 -5.20 12.17
C PRO B 216 -11.80 -5.01 13.56
N THR B 217 -10.48 -4.87 13.56
CA THR B 217 -9.62 -4.80 14.74
C THR B 217 -9.38 -3.38 15.22
N GLY B 218 -9.89 -2.43 14.45
CA GLY B 218 -9.62 -1.03 14.75
C GLY B 218 -8.44 -0.40 14.05
N GLN B 219 -7.69 -1.18 13.26
CA GLN B 219 -6.43 -0.70 12.66
C GLN B 219 -6.73 0.12 11.43
N ARG B 220 -6.02 1.23 11.28
CA ARG B 220 -6.26 2.14 10.16
C ARG B 220 -5.22 1.93 9.07
N PHE B 221 -5.71 1.75 7.85
CA PHE B 221 -4.85 1.82 6.68
C PHE B 221 -5.48 2.74 5.65
N GLN B 222 -4.71 3.10 4.64
CA GLN B 222 -5.24 3.78 3.46
C GLN B 222 -4.94 2.96 2.20
N VAL B 223 -5.94 2.78 1.36
CA VAL B 223 -5.78 2.17 0.04
C VAL B 223 -5.31 3.27 -0.90
N THR B 224 -4.26 2.97 -1.67
CA THR B 224 -3.55 4.00 -2.45
C THR B 224 -3.42 3.69 -3.94
N ASN B 225 -3.68 2.44 -4.30
CA ASN B 225 -3.66 2.06 -5.69
C ASN B 225 -4.93 1.31 -5.99
N VAL B 226 -5.12 0.95 -7.24
CA VAL B 226 -6.18 0.04 -7.60
C VAL B 226 -5.64 -1.39 -7.42
N ASP B 227 -4.40 -1.44 -6.93
CA ASP B 227 -3.70 -2.69 -6.61
C ASP B 227 -4.35 -3.45 -5.47
N SER B 228 -4.77 -2.71 -4.43
CA SER B 228 -5.32 -3.29 -3.19
C SER B 228 -6.33 -4.41 -3.39
N ASP B 229 -6.74 -5.04 -2.29
CA ASP B 229 -7.76 -6.08 -2.36
C ASP B 229 -9.19 -5.53 -2.34
N VAL B 230 -9.34 -4.32 -1.81
CA VAL B 230 -10.61 -3.61 -1.88
C VAL B 230 -11.09 -3.52 -3.32
N VAL B 231 -10.31 -2.83 -4.14
CA VAL B 231 -10.62 -2.70 -5.56
C VAL B 231 -10.83 -4.04 -6.29
N LYS B 232 -9.91 -5.00 -6.11
CA LYS B 232 -9.95 -6.24 -6.88
C LYS B 232 -10.99 -7.21 -6.33
N GLY B 233 -10.83 -7.53 -5.05
CA GLY B 233 -11.60 -8.61 -4.47
C GLY B 233 -12.91 -8.16 -3.85
N ASN B 234 -13.03 -6.86 -3.62
CA ASN B 234 -14.16 -6.32 -2.88
C ASN B 234 -15.26 -5.63 -3.71
N ILE B 235 -14.89 -4.56 -4.42
CA ILE B 235 -15.83 -3.53 -4.91
C ILE B 235 -16.43 -3.86 -6.27
N LYS B 236 -17.73 -4.11 -6.33
CA LYS B 236 -18.35 -4.59 -7.57
C LYS B 236 -19.14 -3.53 -8.33
N LEU B 237 -19.26 -2.31 -7.78
CA LEU B 237 -19.98 -1.25 -8.44
C LEU B 237 -19.31 0.07 -8.18
N LEU B 238 -19.55 1.02 -9.08
CA LEU B 238 -18.80 2.26 -9.08
C LEU B 238 -19.74 3.45 -9.23
N LEU B 239 -19.85 4.26 -8.20
CA LEU B 239 -20.71 5.46 -8.25
C LEU B 239 -20.41 6.26 -9.53
N ASN B 240 -21.45 6.51 -10.31
CA ASN B 240 -21.31 7.24 -11.57
C ASN B 240 -20.37 8.43 -11.45
N SER B 241 -19.66 8.73 -12.53
CA SER B 241 -18.63 9.77 -12.53
C SER B 241 -19.09 11.17 -12.16
N ARG B 242 -20.27 11.57 -12.64
CA ARG B 242 -20.80 12.89 -12.31
C ARG B 242 -20.80 13.10 -10.80
N ALA B 243 -21.44 12.19 -10.10
CA ALA B 243 -21.67 12.35 -8.66
C ALA B 243 -20.46 11.98 -7.77
N SER B 244 -19.70 10.96 -8.19
CA SER B 244 -18.45 10.65 -7.49
C SER B 244 -17.50 11.79 -7.67
N THR B 245 -17.49 12.39 -8.85
CA THR B 245 -16.67 13.59 -9.11
C THR B 245 -17.13 14.90 -8.49
N ALA B 246 -17.98 14.82 -7.48
CA ALA B 246 -18.46 15.97 -6.70
C ALA B 246 -19.39 16.91 -7.51
N ASP B 247 -19.03 18.21 -7.53
CA ASP B 247 -19.80 19.24 -8.24
C ASP B 247 -18.99 20.52 -8.37
N GLU B 248 -18.44 20.98 -7.21
CA GLU B 248 -17.53 22.14 -7.14
C GLU B 248 -16.09 21.64 -7.38
N ASN B 249 -15.95 20.78 -8.38
CA ASN B 249 -14.71 20.05 -8.67
C ASN B 249 -14.40 18.98 -7.62
#